data_8EHB
#
_entry.id   8EHB
#
_cell.length_a   70.960
_cell.length_b   78.150
_cell.length_c   71.460
_cell.angle_alpha   90.000
_cell.angle_beta   117.820
_cell.angle_gamma   90.000
#
_symmetry.space_group_name_H-M   'P 1 21 1'
#
loop_
_entity.id
_entity.type
_entity.pdbx_description
1 polymer 'Putative lipoprotein'
2 non-polymer 1,2-ETHANEDIOL
3 water water
#
_entity_poly.entity_id   1
_entity_poly.type   'polypeptide(L)'
_entity_poly.pdbx_seq_one_letter_code
;GPLGSPEFAEKESHASCSCECVEEKIPIVTLKNENAHFRY(MSE)KRRNDFALEIENKELVRGLYLIPRGCDIPKKYKED
GLPVIISGEVFDCSEYIKPWIKRDPVYFIKLSTIKKK
;
_entity_poly.pdbx_strand_id   A,B,C,D,E,F
#
loop_
_chem_comp.id
_chem_comp.type
_chem_comp.name
_chem_comp.formula
EDO non-polymer 1,2-ETHANEDIOL 'C2 H6 O2'
#
# COMPACT_ATOMS: atom_id res chain seq x y z
N GLU A 12 0.34 -19.76 31.16
CA GLU A 12 0.86 -18.71 30.28
C GLU A 12 1.81 -19.27 29.23
N SER A 13 1.44 -19.15 27.96
CA SER A 13 2.33 -19.48 26.86
C SER A 13 2.86 -18.18 26.26
N HIS A 14 4.17 -18.07 26.13
CA HIS A 14 4.75 -16.90 25.49
C HIS A 14 4.85 -17.14 23.99
N ALA A 15 4.83 -16.05 23.22
CA ALA A 15 4.67 -16.16 21.78
C ALA A 15 5.62 -15.18 21.09
N SER A 16 5.86 -15.43 19.79
CA SER A 16 6.71 -14.59 18.95
C SER A 16 6.05 -14.32 17.60
N CYS A 17 6.02 -13.06 17.21
CA CYS A 17 5.20 -12.58 16.10
C CYS A 17 6.07 -11.72 15.21
N SER A 18 6.19 -12.08 13.93
CA SER A 18 7.10 -11.36 13.04
C SER A 18 6.48 -10.87 11.74
N CYS A 19 5.16 -10.69 11.66
CA CYS A 19 4.55 -10.14 10.43
C CYS A 19 4.48 -8.61 10.54
N GLU A 20 5.62 -7.97 10.30
CA GLU A 20 5.75 -6.54 10.55
C GLU A 20 5.05 -5.72 9.47
N CYS A 21 4.76 -4.46 9.82
CA CYS A 21 4.24 -3.50 8.86
C CYS A 21 5.35 -3.09 7.91
N VAL A 22 4.99 -2.84 6.65
CA VAL A 22 5.98 -2.37 5.69
C VAL A 22 6.21 -0.87 5.81
N GLU A 23 5.16 -0.08 5.96
CA GLU A 23 5.32 1.38 6.02
C GLU A 23 5.41 1.92 7.43
N GLU A 24 4.32 1.92 8.20
CA GLU A 24 4.33 2.50 9.53
C GLU A 24 3.45 1.69 10.46
N LYS A 25 3.97 1.34 11.63
CA LYS A 25 3.11 0.69 12.60
C LYS A 25 2.23 1.78 13.21
N ILE A 26 0.92 1.52 13.24
CA ILE A 26 0.01 2.48 13.84
C ILE A 26 -0.56 1.82 15.08
N PRO A 27 -0.03 2.14 16.25
CA PRO A 27 -0.52 1.49 17.48
C PRO A 27 -1.95 1.88 17.81
N ILE A 28 -2.73 0.89 18.24
CA ILE A 28 -4.12 1.11 18.58
C ILE A 28 -4.22 1.12 20.10
N VAL A 29 -3.87 -0.01 20.73
CA VAL A 29 -4.04 -0.15 22.17
C VAL A 29 -3.21 -1.33 22.65
N THR A 30 -2.77 -1.27 23.90
CA THR A 30 -2.06 -2.38 24.52
C THR A 30 -3.01 -3.12 25.48
N LEU A 31 -3.14 -4.42 25.27
CA LEU A 31 -4.00 -5.26 26.09
C LEU A 31 -3.15 -5.96 27.15
N LYS A 32 -3.64 -5.98 28.39
CA LYS A 32 -3.01 -6.65 29.52
C LYS A 32 -4.05 -7.53 30.19
N ASN A 33 -3.84 -8.85 30.16
CA ASN A 33 -4.74 -9.84 30.77
C ASN A 33 -6.20 -9.60 30.33
N GLU A 34 -6.39 -9.66 29.01
CA GLU A 34 -7.69 -9.43 28.36
C GLU A 34 -8.40 -10.73 28.04
N ASN A 35 -9.65 -10.80 28.45
CA ASN A 35 -10.51 -11.94 28.13
C ASN A 35 -10.83 -11.95 26.65
N ALA A 36 -10.72 -13.12 26.03
CA ALA A 36 -11.04 -13.21 24.61
C ALA A 36 -11.52 -14.62 24.29
N HIS A 37 -12.00 -14.77 23.06
CA HIS A 37 -12.30 -16.06 22.50
C HIS A 37 -11.59 -16.17 21.16
N PHE A 38 -11.02 -17.34 20.89
CA PHE A 38 -10.56 -17.64 19.55
C PHE A 38 -11.76 -17.91 18.64
N ARG A 39 -11.67 -17.43 17.40
CA ARG A 39 -12.72 -17.65 16.41
C ARG A 39 -12.07 -18.20 15.16
N TYR A 40 -12.55 -19.36 14.69
CA TYR A 40 -12.05 -19.88 13.44
C TYR A 40 -12.73 -19.16 12.29
N MSE A 41 -11.94 -18.69 11.33
CA MSE A 41 -12.43 -17.90 10.21
C MSE A 41 -12.49 -18.77 8.98
O MSE A 41 -11.45 -19.08 8.42
CB MSE A 41 -11.53 -16.69 9.95
CG MSE A 41 -11.17 -15.87 11.15
SE MSE A 41 -12.77 -15.02 11.86
CE MSE A 41 -13.03 -13.64 10.48
N LYS A 42 -13.70 -19.13 8.55
CA LYS A 42 -13.86 -20.20 7.55
C LYS A 42 -13.23 -19.82 6.22
N ARG A 43 -13.52 -18.64 5.70
CA ARG A 43 -13.02 -18.26 4.38
C ARG A 43 -11.50 -18.10 4.41
N ARG A 44 -11.03 -17.18 5.27
CA ARG A 44 -9.60 -17.01 5.53
C ARG A 44 -8.92 -18.34 5.85
N ASN A 45 -9.60 -19.21 6.61
CA ASN A 45 -9.01 -20.43 7.19
C ASN A 45 -7.85 -20.10 8.13
N ASP A 46 -8.16 -19.28 9.14
CA ASP A 46 -7.19 -18.86 10.14
C ASP A 46 -7.96 -18.54 11.41
N PHE A 47 -7.25 -18.45 12.53
CA PHE A 47 -7.86 -18.15 13.81
C PHE A 47 -7.72 -16.69 14.19
N ALA A 48 -8.84 -16.05 14.55
CA ALA A 48 -8.86 -14.70 15.07
C ALA A 48 -9.29 -14.69 16.54
N LEU A 49 -9.05 -13.57 17.21
CA LEU A 49 -9.37 -13.39 18.62
C LEU A 49 -10.45 -12.32 18.77
N GLU A 50 -11.54 -12.65 19.46
CA GLU A 50 -12.56 -11.66 19.79
C GLU A 50 -12.46 -11.38 21.28
N ILE A 51 -12.14 -10.13 21.62
CA ILE A 51 -11.89 -9.71 22.99
C ILE A 51 -13.16 -9.16 23.62
N GLU A 52 -13.21 -9.18 24.95
CA GLU A 52 -14.39 -8.72 25.68
C GLU A 52 -14.55 -7.22 25.58
N ASN A 53 -13.45 -6.46 25.66
CA ASN A 53 -13.54 -5.00 25.69
C ASN A 53 -13.69 -4.48 24.26
N LYS A 54 -14.89 -4.64 23.72
CA LYS A 54 -15.16 -4.20 22.36
C LYS A 54 -14.90 -2.71 22.17
N GLU A 55 -15.06 -1.91 23.23
CA GLU A 55 -14.89 -0.46 23.11
C GLU A 55 -13.47 -0.07 22.70
N LEU A 56 -12.51 -0.96 22.86
CA LEU A 56 -11.14 -0.59 22.57
C LEU A 56 -10.78 -0.84 21.12
N VAL A 57 -11.56 -1.66 20.41
CA VAL A 57 -11.22 -2.08 19.05
C VAL A 57 -12.42 -1.94 18.11
N ARG A 58 -13.45 -1.22 18.53
CA ARG A 58 -14.71 -1.17 17.77
C ARG A 58 -15.29 -2.54 17.49
N GLY A 59 -15.08 -3.53 18.37
CA GLY A 59 -15.62 -4.83 18.06
C GLY A 59 -14.84 -5.59 17.00
N LEU A 60 -13.75 -5.06 16.48
CA LEU A 60 -13.04 -5.76 15.41
C LEU A 60 -12.28 -6.93 15.99
N TYR A 61 -12.27 -8.04 15.24
CA TYR A 61 -11.48 -9.19 15.59
C TYR A 61 -10.00 -8.87 15.42
N LEU A 62 -9.15 -9.57 16.15
CA LEU A 62 -7.72 -9.34 16.10
C LEU A 62 -7.05 -10.52 15.39
N ILE A 63 -6.20 -10.24 14.42
CA ILE A 63 -5.48 -11.30 13.72
C ILE A 63 -4.09 -11.42 14.33
N PRO A 64 -3.77 -12.53 15.00
CA PRO A 64 -2.41 -12.72 15.51
C PRO A 64 -1.52 -13.03 14.33
N ARG A 65 -1.23 -12.01 13.56
CA ARG A 65 -0.55 -12.20 12.29
C ARG A 65 0.93 -12.49 12.48
N GLY A 66 1.36 -13.59 11.85
CA GLY A 66 2.73 -14.05 11.88
C GLY A 66 3.11 -14.74 13.16
N CYS A 67 2.17 -14.87 14.10
CA CYS A 67 2.41 -15.49 15.40
C CYS A 67 2.20 -16.99 15.29
N ASP A 68 3.18 -17.79 15.71
CA ASP A 68 2.97 -19.24 15.64
C ASP A 68 2.35 -19.64 16.97
N ILE A 69 1.06 -19.95 16.93
CA ILE A 69 0.25 -20.30 18.09
C ILE A 69 0.33 -21.79 18.39
N PRO A 70 0.59 -22.20 19.64
CA PRO A 70 0.55 -23.63 19.95
C PRO A 70 -0.79 -24.24 19.57
N LYS A 71 -0.73 -25.47 19.03
CA LYS A 71 -1.92 -26.10 18.47
C LYS A 71 -3.04 -26.19 19.49
N LYS A 72 -2.69 -26.26 20.79
CA LYS A 72 -3.65 -26.40 21.88
C LYS A 72 -4.63 -25.23 21.97
N TYR A 73 -4.29 -24.07 21.41
CA TYR A 73 -5.20 -22.93 21.45
C TYR A 73 -6.11 -22.85 20.23
N LYS A 74 -5.81 -23.57 19.15
CA LYS A 74 -6.55 -23.47 17.89
C LYS A 74 -7.82 -24.31 17.96
N GLU A 75 -8.79 -23.80 18.71
CA GLU A 75 -10.13 -24.37 18.83
C GLU A 75 -11.14 -23.25 18.68
N ASP A 76 -12.12 -23.43 17.80
CA ASP A 76 -13.14 -22.41 17.62
C ASP A 76 -13.87 -22.15 18.94
N GLY A 77 -13.97 -20.89 19.34
CA GLY A 77 -14.72 -20.55 20.53
C GLY A 77 -13.98 -20.68 21.86
N LEU A 78 -12.72 -21.09 21.87
CA LEU A 78 -12.00 -21.34 23.11
C LEU A 78 -11.83 -20.04 23.90
N PRO A 79 -12.27 -19.97 25.15
CA PRO A 79 -11.97 -18.78 25.96
C PRO A 79 -10.49 -18.75 26.30
N VAL A 80 -9.87 -17.58 26.14
CA VAL A 80 -8.46 -17.43 26.44
C VAL A 80 -8.26 -16.09 27.13
N ILE A 81 -7.10 -15.93 27.73
CA ILE A 81 -6.67 -14.64 28.27
C ILE A 81 -5.39 -14.25 27.56
N ILE A 82 -5.34 -13.02 27.04
CA ILE A 82 -4.29 -12.61 26.14
C ILE A 82 -3.68 -11.29 26.59
N SER A 83 -2.43 -11.08 26.22
CA SER A 83 -1.77 -9.79 26.29
C SER A 83 -1.05 -9.53 24.98
N GLY A 84 -0.99 -8.26 24.58
CA GLY A 84 -0.23 -7.92 23.40
C GLY A 84 -0.56 -6.54 22.91
N GLU A 85 0.07 -6.21 21.78
CA GLU A 85 -0.05 -4.88 21.19
C GLU A 85 -0.98 -4.99 20.00
N VAL A 86 -2.07 -4.23 20.03
CA VAL A 86 -2.99 -4.17 18.91
C VAL A 86 -2.56 -3.00 18.05
N PHE A 87 -2.47 -3.23 16.74
CA PHE A 87 -1.98 -2.20 15.86
C PHE A 87 -2.60 -2.38 14.48
N ASP A 88 -2.44 -1.35 13.65
CA ASP A 88 -2.73 -1.39 12.23
C ASP A 88 -1.46 -1.01 11.48
N CYS A 89 -1.48 -1.17 10.16
CA CYS A 89 -0.36 -0.79 9.32
C CYS A 89 -0.81 0.26 8.31
N SER A 90 -0.02 1.32 8.18
CA SER A 90 -0.39 2.45 7.35
C SER A 90 -0.50 2.08 5.88
N GLU A 91 0.23 1.07 5.42
CA GLU A 91 0.11 0.68 4.02
C GLU A 91 -1.32 0.25 3.71
N TYR A 92 -2.05 -0.21 4.71
CA TYR A 92 -3.45 -0.56 4.54
C TYR A 92 -4.39 0.62 4.75
N ILE A 93 -3.90 1.70 5.34
CA ILE A 93 -4.71 2.92 5.54
C ILE A 93 -4.46 3.79 4.31
N LYS A 94 -5.09 3.42 3.21
CA LYS A 94 -4.94 4.20 1.99
C LYS A 94 -6.28 4.31 1.30
N PRO A 95 -6.56 5.44 0.66
CA PRO A 95 -7.87 5.64 0.02
C PRO A 95 -8.25 4.54 -0.96
N TRP A 96 -7.27 3.94 -1.62
CA TRP A 96 -7.46 2.91 -2.63
C TRP A 96 -7.58 1.50 -2.05
N ILE A 97 -7.29 1.30 -0.78
CA ILE A 97 -7.25 -0.03 -0.20
C ILE A 97 -8.64 -0.46 0.26
N LYS A 98 -9.14 -1.58 -0.28
CA LYS A 98 -10.24 -2.33 0.30
C LYS A 98 -9.66 -3.49 1.12
N ARG A 99 -10.09 -3.56 2.39
CA ARG A 99 -9.49 -4.45 3.38
C ARG A 99 -10.53 -5.24 4.16
N ASP A 100 -10.11 -6.40 4.63
CA ASP A 100 -10.89 -7.11 5.63
C ASP A 100 -10.86 -6.31 6.93
N PRO A 101 -12.05 -5.97 7.54
CA PRO A 101 -12.03 -5.15 8.75
C PRO A 101 -11.57 -5.94 9.96
N VAL A 102 -10.30 -5.72 10.30
CA VAL A 102 -9.65 -6.39 11.42
C VAL A 102 -8.53 -5.48 11.88
N TYR A 103 -8.05 -5.72 13.10
CA TYR A 103 -6.80 -5.17 13.56
C TYR A 103 -5.82 -6.32 13.67
N PHE A 104 -4.57 -5.98 13.90
CA PHE A 104 -3.58 -7.02 14.10
C PHE A 104 -3.16 -6.98 15.56
N ILE A 105 -2.67 -8.11 16.06
CA ILE A 105 -2.16 -8.13 17.42
C ILE A 105 -0.81 -8.82 17.42
N LYS A 106 0.16 -8.21 18.09
CA LYS A 106 1.39 -8.92 18.42
C LYS A 106 1.21 -9.48 19.84
N LEU A 107 0.96 -10.79 19.92
CA LEU A 107 0.73 -11.44 21.20
C LEU A 107 2.00 -11.57 22.00
N SER A 108 1.93 -11.21 23.28
CA SER A 108 3.03 -11.50 24.20
C SER A 108 2.74 -12.70 25.08
N THR A 109 1.54 -12.84 25.64
CA THR A 109 1.16 -14.03 26.38
C THR A 109 -0.27 -14.46 26.03
N ILE A 110 -0.49 -15.78 26.07
CA ILE A 110 -1.82 -16.35 25.95
C ILE A 110 -2.00 -17.46 26.98
N LYS A 111 -3.15 -17.46 27.64
CA LYS A 111 -3.49 -18.44 28.66
C LYS A 111 -4.92 -18.90 28.44
N LYS A 112 -5.18 -20.19 28.66
CA LYS A 112 -6.56 -20.65 28.67
C LYS A 112 -7.30 -20.00 29.83
N LYS A 113 -8.49 -19.51 29.54
CA LYS A 113 -9.32 -18.89 30.55
C LYS A 113 -10.04 -20.00 31.30
N HIS B 14 -2.16 -20.67 2.34
CA HIS B 14 -2.33 -20.12 3.69
C HIS B 14 -1.57 -20.94 4.77
N ALA B 15 -0.32 -21.29 4.46
CA ALA B 15 0.65 -21.80 5.42
C ALA B 15 1.46 -20.67 6.07
N SER B 16 0.85 -19.49 6.21
CA SER B 16 1.55 -18.23 6.43
C SER B 16 1.22 -17.54 7.75
N CYS B 17 0.58 -18.22 8.71
CA CYS B 17 0.10 -17.58 9.94
C CYS B 17 -0.59 -16.24 9.65
N SER B 18 -1.49 -16.26 8.67
CA SER B 18 -2.23 -15.10 8.18
C SER B 18 -1.32 -13.95 7.74
N CYS B 19 -0.03 -14.18 7.54
CA CYS B 19 0.85 -13.10 7.10
C CYS B 19 0.90 -13.13 5.59
N GLU B 20 0.06 -12.33 4.94
CA GLU B 20 -0.10 -12.42 3.49
C GLU B 20 -0.21 -11.02 2.92
N CYS B 21 -0.79 -10.94 1.74
CA CYS B 21 -1.05 -9.67 1.11
C CYS B 21 -2.48 -9.32 1.48
N VAL B 22 -2.72 -8.03 1.68
CA VAL B 22 -4.11 -7.61 1.87
C VAL B 22 -4.85 -7.59 0.54
N GLU B 23 -4.22 -7.11 -0.54
CA GLU B 23 -4.97 -7.20 -1.79
C GLU B 23 -4.64 -8.37 -2.71
N GLU B 24 -3.50 -8.32 -3.41
CA GLU B 24 -3.22 -9.36 -4.42
C GLU B 24 -1.77 -9.78 -4.37
N LYS B 25 -1.54 -11.07 -4.27
CA LYS B 25 -0.17 -11.59 -4.34
C LYS B 25 0.29 -11.66 -5.78
N ILE B 26 1.47 -11.13 -6.05
CA ILE B 26 2.07 -11.15 -7.37
C ILE B 26 3.36 -11.95 -7.29
N PRO B 27 3.33 -13.22 -7.71
CA PRO B 27 4.54 -14.04 -7.63
C PRO B 27 5.62 -13.49 -8.54
N ILE B 28 6.86 -13.51 -8.02
CA ILE B 28 8.03 -13.02 -8.73
C ILE B 28 8.88 -14.17 -9.23
N VAL B 29 9.43 -14.98 -8.32
CA VAL B 29 10.34 -16.06 -8.66
C VAL B 29 10.44 -16.98 -7.45
N THR B 30 10.66 -18.27 -7.72
CA THR B 30 10.81 -19.27 -6.66
C THR B 30 12.29 -19.62 -6.45
N LEU B 31 12.75 -19.54 -5.20
CA LEU B 31 14.14 -19.83 -4.85
C LEU B 31 14.27 -21.23 -4.29
N LYS B 32 15.28 -21.97 -4.76
CA LYS B 32 15.60 -23.31 -4.29
C LYS B 32 17.07 -23.36 -3.87
N ASN B 33 17.32 -23.58 -2.58
CA ASN B 33 18.66 -23.72 -2.00
C ASN B 33 19.60 -22.57 -2.39
N GLU B 34 19.19 -21.36 -2.01
CA GLU B 34 19.95 -20.16 -2.30
C GLU B 34 20.74 -19.71 -1.08
N ASN B 35 22.00 -19.33 -1.29
CA ASN B 35 22.78 -18.72 -0.22
C ASN B 35 22.19 -17.37 0.15
N ALA B 36 22.08 -17.13 1.45
CA ALA B 36 21.55 -15.88 1.95
C ALA B 36 22.22 -15.57 3.28
N HIS B 37 21.99 -14.35 3.76
CA HIS B 37 22.36 -13.93 5.09
C HIS B 37 21.17 -13.28 5.76
N PHE B 38 20.92 -13.63 7.01
CA PHE B 38 19.94 -12.89 7.80
C PHE B 38 20.55 -11.58 8.24
N ARG B 39 19.79 -10.50 8.07
CA ARG B 39 20.22 -9.16 8.41
C ARG B 39 19.15 -8.50 9.26
N TYR B 40 19.56 -7.89 10.37
CA TYR B 40 18.65 -7.13 11.20
C TYR B 40 18.43 -5.75 10.59
N MSE B 41 17.18 -5.29 10.62
CA MSE B 41 16.78 -4.11 9.87
C MSE B 41 16.45 -2.91 10.72
O MSE B 41 16.22 -3.02 11.94
CB MSE B 41 15.58 -4.43 8.96
CG MSE B 41 15.94 -5.23 7.71
SE MSE B 41 17.47 -4.49 6.75
CE MSE B 41 16.77 -2.68 6.41
N LYS B 42 16.40 -1.74 10.08
CA LYS B 42 16.38 -0.46 10.75
C LYS B 42 14.97 -0.03 11.13
N ARG B 43 14.68 -0.06 12.44
CA ARG B 43 13.41 0.33 13.09
C ARG B 43 12.26 -0.65 12.83
N ARG B 44 12.32 -1.42 11.75
CA ARG B 44 11.39 -2.55 11.60
C ARG B 44 11.48 -3.52 12.78
N ASN B 45 12.64 -3.59 13.44
CA ASN B 45 12.96 -4.62 14.40
C ASN B 45 12.47 -5.97 13.89
N ASP B 46 13.01 -6.34 12.72
CA ASP B 46 12.76 -7.62 12.06
C ASP B 46 13.99 -7.96 11.22
N PHE B 47 14.13 -9.24 10.90
CA PHE B 47 15.25 -9.71 10.10
C PHE B 47 14.84 -9.83 8.64
N ALA B 48 15.64 -9.27 7.74
CA ALA B 48 15.47 -9.45 6.30
C ALA B 48 16.56 -10.37 5.78
N LEU B 49 16.38 -10.86 4.55
CA LEU B 49 17.29 -11.81 3.91
C LEU B 49 18.01 -11.14 2.75
N GLU B 50 19.33 -11.26 2.76
CA GLU B 50 20.22 -10.78 1.72
C GLU B 50 20.65 -12.00 0.91
N ILE B 51 20.25 -12.08 -0.35
CA ILE B 51 20.62 -13.27 -1.12
C ILE B 51 21.86 -12.94 -1.93
N GLU B 52 22.75 -13.92 -2.09
CA GLU B 52 24.00 -13.61 -2.77
C GLU B 52 23.78 -13.33 -4.24
N ASN B 53 22.87 -14.07 -4.89
CA ASN B 53 22.56 -13.88 -6.31
C ASN B 53 21.57 -12.72 -6.43
N LYS B 54 22.12 -11.51 -6.31
CA LYS B 54 21.29 -10.31 -6.37
C LYS B 54 20.48 -10.23 -7.65
N GLU B 55 20.99 -10.82 -8.73
CA GLU B 55 20.37 -10.72 -10.04
C GLU B 55 19.00 -11.37 -10.11
N LEU B 56 18.64 -12.22 -9.15
CA LEU B 56 17.34 -12.86 -9.18
C LEU B 56 16.24 -11.96 -8.62
N VAL B 57 16.61 -10.98 -7.77
CA VAL B 57 15.64 -10.12 -7.10
C VAL B 57 16.03 -8.66 -7.25
N ARG B 58 16.88 -8.39 -8.25
CA ARG B 58 17.38 -7.03 -8.54
C ARG B 58 18.08 -6.38 -7.34
N GLY B 59 18.74 -7.18 -6.51
CA GLY B 59 19.50 -6.71 -5.37
C GLY B 59 18.71 -6.32 -4.14
N LEU B 60 17.40 -6.47 -4.16
CA LEU B 60 16.57 -6.07 -3.04
C LEU B 60 16.64 -7.09 -1.90
N TYR B 61 16.56 -6.59 -0.67
CA TYR B 61 16.39 -7.49 0.46
C TYR B 61 15.02 -8.15 0.38
N LEU B 62 14.91 -9.34 0.96
CA LEU B 62 13.65 -10.06 0.98
C LEU B 62 13.08 -10.08 2.38
N ILE B 63 11.81 -9.70 2.51
CA ILE B 63 11.11 -9.71 3.79
C ILE B 63 10.40 -11.06 3.94
N PRO B 64 10.78 -11.89 4.89
CA PRO B 64 10.08 -13.17 5.10
C PRO B 64 8.68 -12.97 5.63
N ARG B 65 7.68 -13.32 4.81
CA ARG B 65 6.28 -13.24 5.19
C ARG B 65 5.73 -14.62 5.53
N GLY B 66 5.11 -14.72 6.70
CA GLY B 66 4.48 -15.96 7.08
C GLY B 66 4.67 -16.19 8.56
N CYS B 67 4.89 -17.43 8.95
CA CYS B 67 5.06 -17.72 10.35
C CYS B 67 6.44 -17.29 10.79
N ASP B 68 6.54 -16.88 12.04
CA ASP B 68 7.78 -16.36 12.55
C ASP B 68 8.88 -17.40 12.44
N ILE B 69 10.09 -16.89 12.20
CA ILE B 69 11.33 -17.63 11.99
C ILE B 69 11.86 -18.10 13.33
N PRO B 70 12.35 -19.33 13.43
CA PRO B 70 12.93 -19.80 14.70
C PRO B 70 14.08 -18.92 15.16
N LYS B 71 14.12 -18.65 16.46
CA LYS B 71 15.08 -17.67 16.98
C LYS B 71 16.53 -18.10 16.73
N LYS B 72 16.80 -19.38 16.51
CA LYS B 72 18.17 -19.77 16.22
C LYS B 72 18.69 -19.14 14.95
N TYR B 73 17.79 -18.71 14.05
CA TYR B 73 18.16 -18.05 12.80
C TYR B 73 18.23 -16.53 12.91
N LYS B 74 17.69 -15.92 13.98
CA LYS B 74 17.66 -14.48 14.14
C LYS B 74 18.98 -13.99 14.74
N GLU B 75 20.02 -14.07 13.93
CA GLU B 75 21.34 -13.56 14.30
C GLU B 75 21.83 -12.72 13.13
N ASP B 76 22.20 -11.47 13.42
CA ASP B 76 22.62 -10.56 12.37
C ASP B 76 23.85 -11.13 11.66
N GLY B 77 23.78 -11.22 10.33
CA GLY B 77 24.86 -11.76 9.53
C GLY B 77 24.89 -13.27 9.33
N LEU B 78 23.88 -14.00 9.81
CA LEU B 78 23.95 -15.45 9.79
C LEU B 78 23.89 -16.02 8.38
N PRO B 79 24.88 -16.80 7.94
CA PRO B 79 24.78 -17.44 6.63
C PRO B 79 23.72 -18.52 6.69
N VAL B 80 22.86 -18.54 5.69
CA VAL B 80 21.82 -19.55 5.60
C VAL B 80 21.68 -19.97 4.15
N ILE B 81 20.97 -21.09 3.96
CA ILE B 81 20.53 -21.58 2.66
C ILE B 81 19.00 -21.64 2.71
N ILE B 82 18.33 -21.03 1.72
CA ILE B 82 16.89 -20.85 1.82
C ILE B 82 16.19 -21.29 0.54
N SER B 83 14.93 -21.71 0.72
CA SER B 83 14.02 -21.95 -0.40
C SER B 83 12.68 -21.29 -0.12
N GLY B 84 12.02 -20.86 -1.17
CA GLY B 84 10.68 -20.32 -0.95
C GLY B 84 10.20 -19.53 -2.15
N GLU B 85 9.04 -18.94 -1.96
CA GLU B 85 8.35 -18.20 -3.01
C GLU B 85 8.53 -16.69 -2.78
N VAL B 86 9.11 -16.01 -3.76
CA VAL B 86 9.30 -14.55 -3.72
C VAL B 86 8.16 -13.88 -4.45
N PHE B 87 7.59 -12.85 -3.83
CA PHE B 87 6.42 -12.20 -4.41
C PHE B 87 6.37 -10.75 -3.95
N ASP B 88 5.49 -10.00 -4.60
CA ASP B 88 5.16 -8.65 -4.19
C ASP B 88 3.66 -8.63 -3.85
N CYS B 89 3.19 -7.52 -3.30
CA CYS B 89 1.76 -7.35 -3.03
C CYS B 89 1.27 -6.09 -3.74
N SER B 90 0.12 -6.21 -4.43
CA SER B 90 -0.39 -5.11 -5.24
C SER B 90 -0.68 -3.87 -4.41
N GLU B 91 -0.97 -4.04 -3.12
CA GLU B 91 -1.24 -2.89 -2.28
C GLU B 91 -0.07 -1.93 -2.23
N TYR B 92 1.14 -2.39 -2.52
CA TYR B 92 2.31 -1.53 -2.62
C TYR B 92 2.54 -0.98 -4.03
N ILE B 93 1.92 -1.57 -5.04
CA ILE B 93 2.13 -1.22 -6.45
C ILE B 93 1.06 -0.25 -6.96
N LYS B 94 1.40 1.04 -7.13
CA LYS B 94 0.49 2.04 -7.74
C LYS B 94 1.34 3.10 -8.42
N PRO B 95 0.90 3.63 -9.57
CA PRO B 95 1.73 4.62 -10.28
C PRO B 95 2.04 5.89 -9.47
N TRP B 96 1.13 6.36 -8.61
CA TRP B 96 1.38 7.58 -7.86
C TRP B 96 2.24 7.37 -6.61
N ILE B 97 2.38 6.13 -6.15
CA ILE B 97 3.18 5.85 -4.97
C ILE B 97 4.62 5.62 -5.42
N LYS B 98 5.54 6.42 -4.90
CA LYS B 98 6.97 6.19 -5.09
C LYS B 98 7.40 5.24 -3.99
N ARG B 99 8.04 4.14 -4.35
CA ARG B 99 8.31 3.13 -3.34
C ARG B 99 9.78 2.74 -3.29
N ASP B 100 10.23 2.47 -2.06
CA ASP B 100 11.47 1.79 -1.72
C ASP B 100 11.23 0.31 -2.00
N PRO B 101 11.69 -0.21 -3.14
CA PRO B 101 11.29 -1.56 -3.52
C PRO B 101 11.94 -2.61 -2.62
N VAL B 102 11.11 -3.54 -2.16
CA VAL B 102 11.52 -4.72 -1.41
C VAL B 102 10.53 -5.79 -1.80
N TYR B 103 10.96 -7.04 -1.71
CA TYR B 103 10.10 -8.18 -1.99
C TYR B 103 9.91 -9.02 -0.74
N PHE B 104 8.92 -9.89 -0.82
CA PHE B 104 8.58 -10.78 0.26
C PHE B 104 8.89 -12.20 -0.16
N ILE B 105 9.21 -13.03 0.83
CA ILE B 105 9.44 -14.44 0.58
C ILE B 105 8.65 -15.23 1.62
N LYS B 106 7.89 -16.21 1.15
CA LYS B 106 7.31 -17.23 2.00
C LYS B 106 8.30 -18.38 1.98
N LEU B 107 9.00 -18.56 3.10
CA LEU B 107 10.05 -19.56 3.19
C LEU B 107 9.46 -20.97 3.29
N SER B 108 9.99 -21.88 2.50
CA SER B 108 9.73 -23.31 2.62
C SER B 108 10.84 -24.06 3.35
N THR B 109 12.12 -23.73 3.10
CA THR B 109 13.22 -24.31 3.86
C THR B 109 14.19 -23.22 4.29
N ILE B 110 14.78 -23.41 5.48
CA ILE B 110 15.89 -22.60 5.98
C ILE B 110 16.92 -23.56 6.58
N LYS B 111 18.19 -23.37 6.22
CA LYS B 111 19.26 -24.18 6.77
C LYS B 111 20.41 -23.24 7.09
N LYS B 112 21.03 -23.43 8.26
CA LYS B 112 22.28 -22.74 8.52
C LYS B 112 23.33 -23.31 7.58
N LYS B 113 24.20 -22.46 7.07
CA LYS B 113 25.18 -22.90 6.09
C LYS B 113 26.29 -23.72 6.74
N GLU C 12 3.75 31.87 -8.02
CA GLU C 12 3.85 30.74 -7.10
C GLU C 12 4.21 31.24 -5.70
N SER C 13 3.23 31.20 -4.81
CA SER C 13 3.46 31.52 -3.41
C SER C 13 3.94 30.29 -2.64
N HIS C 14 4.83 30.52 -1.67
CA HIS C 14 5.33 29.44 -0.82
C HIS C 14 4.66 29.53 0.54
N ALA C 15 4.00 28.46 0.95
CA ALA C 15 3.27 28.39 2.20
C ALA C 15 4.14 27.71 3.27
N SER C 16 3.81 27.99 4.53
CA SER C 16 4.50 27.43 5.67
C SER C 16 3.44 26.88 6.63
N CYS C 17 3.60 25.61 7.01
CA CYS C 17 2.54 24.82 7.65
C CYS C 17 3.15 24.15 8.87
N SER C 18 2.57 24.37 10.06
CA SER C 18 3.15 23.84 11.30
C SER C 18 2.23 23.01 12.19
N CYS C 19 1.08 22.56 11.73
CA CYS C 19 0.19 21.76 12.58
C CYS C 19 0.57 20.29 12.41
N GLU C 20 1.31 19.74 13.36
CA GLU C 20 1.95 18.44 13.21
C GLU C 20 1.21 17.32 13.96
N CYS C 21 1.44 16.08 13.54
CA CYS C 21 0.83 14.96 14.25
C CYS C 21 1.57 14.75 15.56
N VAL C 22 0.83 14.44 16.62
CA VAL C 22 1.46 14.13 17.90
C VAL C 22 2.04 12.72 17.91
N GLU C 23 1.27 11.79 17.36
CA GLU C 23 1.62 10.39 17.18
C GLU C 23 2.21 10.30 15.79
N GLU C 24 1.99 9.17 15.10
CA GLU C 24 2.62 8.92 13.81
C GLU C 24 1.94 9.65 12.67
N LYS C 25 2.73 10.34 11.84
CA LYS C 25 2.22 10.90 10.60
C LYS C 25 2.03 9.78 9.60
N ILE C 26 0.85 9.72 9.00
CA ILE C 26 0.52 8.64 8.06
C ILE C 26 0.44 9.24 6.67
N PRO C 27 1.49 9.07 5.88
CA PRO C 27 1.48 9.64 4.52
C PRO C 27 0.45 8.99 3.63
N ILE C 28 -0.25 9.83 2.85
CA ILE C 28 -1.27 9.35 1.92
C ILE C 28 -0.72 9.40 0.51
N VAL C 29 -0.40 10.61 0.04
CA VAL C 29 0.08 10.82 -1.32
C VAL C 29 0.74 12.20 -1.35
N THR C 30 1.72 12.34 -2.24
CA THR C 30 2.39 13.61 -2.49
C THR C 30 1.83 14.22 -3.77
N LEU C 31 1.47 15.50 -3.70
CA LEU C 31 0.90 16.23 -4.83
C LEU C 31 1.95 17.11 -5.49
N LYS C 32 1.95 17.08 -6.82
CA LYS C 32 2.83 17.87 -7.67
C LYS C 32 2.00 18.59 -8.73
N ASN C 33 1.95 19.92 -8.68
CA ASN C 33 1.23 20.72 -9.66
C ASN C 33 -0.17 20.14 -9.92
N GLU C 34 -0.95 20.04 -8.84
CA GLU C 34 -2.30 19.49 -8.87
C GLU C 34 -3.32 20.61 -8.95
N ASN C 35 -4.28 20.45 -9.85
CA ASN C 35 -5.43 21.35 -9.92
C ASN C 35 -6.36 21.14 -8.73
N ALA C 36 -6.84 22.24 -8.17
CA ALA C 36 -7.75 22.19 -7.03
C ALA C 36 -8.64 23.41 -7.04
N HIS C 37 -9.60 23.43 -6.13
CA HIS C 37 -10.43 24.59 -5.82
C HIS C 37 -10.43 24.80 -4.32
N PHE C 38 -10.36 26.06 -3.90
CA PHE C 38 -10.63 26.38 -2.51
C PHE C 38 -12.12 26.28 -2.23
N ARG C 39 -12.44 25.72 -1.07
CA ARG C 39 -13.81 25.54 -0.66
C ARG C 39 -13.97 26.12 0.73
N TYR C 40 -14.92 27.03 0.91
CA TYR C 40 -15.17 27.58 2.23
C TYR C 40 -16.16 26.70 2.99
N MSE C 41 -15.74 26.22 4.15
CA MSE C 41 -16.58 25.35 4.98
C MSE C 41 -17.33 26.16 5.99
O MSE C 41 -16.73 26.76 6.87
CB MSE C 41 -15.72 24.34 5.69
CG MSE C 41 -14.65 23.77 4.78
SE MSE C 41 -15.39 22.67 3.32
CE MSE C 41 -15.20 20.92 4.24
N LYS C 42 -18.65 26.16 5.86
CA LYS C 42 -19.46 27.07 6.64
C LYS C 42 -19.42 26.76 8.13
N ARG C 43 -19.54 25.49 8.53
CA ARG C 43 -19.61 25.30 9.97
C ARG C 43 -18.24 25.39 10.62
N ARG C 44 -17.22 24.77 10.03
CA ARG C 44 -15.85 25.00 10.48
C ARG C 44 -15.48 26.49 10.46
N ASN C 45 -15.97 27.21 9.45
CA ASN C 45 -15.52 28.57 9.16
C ASN C 45 -14.02 28.56 8.87
N ASP C 46 -13.63 27.75 7.89
CA ASP C 46 -12.25 27.65 7.43
C ASP C 46 -12.27 27.13 5.99
N PHE C 47 -11.13 27.28 5.32
CA PHE C 47 -10.98 26.90 3.92
C PHE C 47 -10.32 25.53 3.75
N ALA C 48 -10.95 24.67 2.94
CA ALA C 48 -10.45 23.39 2.47
C ALA C 48 -10.13 23.45 0.99
N LEU C 49 -9.39 22.44 0.51
CA LEU C 49 -9.01 22.31 -0.89
C LEU C 49 -9.59 21.02 -1.45
N GLU C 50 -10.30 21.11 -2.59
CA GLU C 50 -10.77 19.93 -3.28
C GLU C 50 -9.95 19.76 -4.55
N ILE C 51 -9.24 18.64 -4.66
CA ILE C 51 -8.36 18.43 -5.80
C ILE C 51 -9.10 17.75 -6.93
N GLU C 52 -8.57 17.95 -8.15
CA GLU C 52 -9.16 17.35 -9.35
C GLU C 52 -9.06 15.83 -9.30
N ASN C 53 -7.92 15.30 -8.84
CA ASN C 53 -7.68 13.85 -8.82
C ASN C 53 -8.35 13.20 -7.61
N LYS C 54 -9.66 12.99 -7.73
CA LYS C 54 -10.42 12.40 -6.64
C LYS C 54 -9.90 11.02 -6.24
N GLU C 55 -9.36 10.25 -7.18
CA GLU C 55 -8.95 8.87 -6.89
C GLU C 55 -7.76 8.78 -5.93
N LEU C 56 -7.00 9.86 -5.75
CA LEU C 56 -5.81 9.78 -4.90
C LEU C 56 -6.13 10.01 -3.45
N VAL C 57 -7.26 10.65 -3.17
CA VAL C 57 -7.62 10.97 -1.81
C VAL C 57 -9.02 10.47 -1.58
N ARG C 58 -9.50 9.61 -2.48
CA ARG C 58 -10.84 9.04 -2.36
C ARG C 58 -11.89 10.16 -2.25
N GLY C 59 -11.58 11.30 -2.87
CA GLY C 59 -12.46 12.42 -2.89
C GLY C 59 -12.49 13.27 -1.64
N LEU C 60 -11.68 12.99 -0.62
CA LEU C 60 -11.78 13.77 0.59
C LEU C 60 -11.16 15.15 0.41
N TYR C 61 -11.78 16.16 0.98
CA TYR C 61 -11.20 17.50 0.97
C TYR C 61 -9.92 17.50 1.80
N LEU C 62 -9.02 18.44 1.48
CA LEU C 62 -7.73 18.56 2.15
C LEU C 62 -7.71 19.83 3.00
N ILE C 63 -7.31 19.70 4.27
CA ILE C 63 -7.27 20.84 5.19
C ILE C 63 -5.82 21.33 5.31
N PRO C 64 -5.52 22.56 4.91
CA PRO C 64 -4.17 23.10 5.14
C PRO C 64 -3.97 23.51 6.60
N ARG C 65 -3.94 22.54 7.50
CA ARG C 65 -3.85 22.84 8.93
C ARG C 65 -2.58 23.60 9.27
N GLY C 66 -2.75 24.76 9.89
CA GLY C 66 -1.63 25.55 10.33
C GLY C 66 -0.94 26.36 9.24
N CYS C 67 -1.40 26.30 7.99
CA CYS C 67 -0.71 27.00 6.91
C CYS C 67 -1.13 28.45 6.86
N ASP C 68 -0.15 29.36 6.78
CA ASP C 68 -0.42 30.78 6.60
C ASP C 68 -0.75 31.06 5.13
N ILE C 69 -2.01 30.89 4.75
CA ILE C 69 -2.39 31.13 3.37
C ILE C 69 -2.66 32.62 3.16
N PRO C 70 -2.03 33.24 2.17
CA PRO C 70 -2.32 34.66 1.87
C PRO C 70 -3.78 34.87 1.48
N LYS C 71 -4.33 36.02 1.87
CA LYS C 71 -5.75 36.34 1.71
C LYS C 71 -6.21 36.28 0.25
N LYS C 72 -5.30 36.47 -0.71
CA LYS C 72 -5.66 36.42 -2.13
C LYS C 72 -6.19 35.04 -2.54
N TYR C 73 -5.82 33.99 -1.82
CA TYR C 73 -6.30 32.65 -2.14
C TYR C 73 -7.55 32.26 -1.38
N LYS C 74 -7.88 32.99 -0.31
CA LYS C 74 -9.03 32.62 0.52
C LYS C 74 -10.31 33.15 -0.12
N GLU C 75 -10.67 32.53 -1.24
CA GLU C 75 -11.93 32.83 -1.92
C GLU C 75 -12.63 31.53 -2.26
N ASP C 76 -13.90 31.44 -1.89
CA ASP C 76 -14.70 30.24 -2.12
C ASP C 76 -14.70 29.91 -3.60
N GLY C 77 -14.30 28.69 -3.94
CA GLY C 77 -14.30 28.27 -5.33
C GLY C 77 -13.07 28.65 -6.13
N LEU C 78 -12.08 29.30 -5.52
CA LEU C 78 -10.96 29.82 -6.32
C LEU C 78 -10.19 28.66 -6.93
N PRO C 79 -10.01 28.63 -8.26
CA PRO C 79 -9.19 27.57 -8.87
C PRO C 79 -7.72 27.79 -8.55
N VAL C 80 -7.03 26.73 -8.14
CA VAL C 80 -5.62 26.83 -7.78
C VAL C 80 -4.88 25.59 -8.23
N ILE C 81 -3.55 25.70 -8.24
CA ILE C 81 -2.63 24.59 -8.49
C ILE C 81 -1.76 24.46 -7.26
N ILE C 82 -1.66 23.26 -6.72
CA ILE C 82 -1.01 23.09 -5.43
C ILE C 82 0.00 21.97 -5.50
N SER C 83 1.00 22.08 -4.65
CA SER C 83 1.93 20.99 -4.39
C SER C 83 2.03 20.83 -2.88
N GLY C 84 2.18 19.59 -2.43
CA GLY C 84 2.42 19.36 -1.03
C GLY C 84 2.19 17.91 -0.66
N GLU C 85 2.31 17.65 0.64
CA GLU C 85 2.22 16.31 1.20
C GLU C 85 0.85 16.11 1.85
N VAL C 86 0.10 15.12 1.38
CA VAL C 86 -1.18 14.78 1.99
C VAL C 86 -0.96 13.67 2.99
N PHE C 87 -1.52 13.83 4.19
CA PHE C 87 -1.25 12.86 5.23
C PHE C 87 -2.43 12.81 6.19
N ASP C 88 -2.38 11.81 7.07
CA ASP C 88 -3.28 11.72 8.20
C ASP C 88 -2.44 11.64 9.48
N CYS C 89 -3.09 11.68 10.64
CA CYS C 89 -2.41 11.52 11.92
C CYS C 89 -3.00 10.33 12.64
N SER C 90 -2.14 9.47 13.19
CA SER C 90 -2.61 8.22 13.78
C SER C 90 -3.51 8.45 14.98
N GLU C 91 -3.32 9.55 15.71
CA GLU C 91 -4.17 9.84 16.88
C GLU C 91 -5.63 9.98 16.50
N TYR C 92 -5.92 10.37 15.25
CA TYR C 92 -7.32 10.42 14.79
C TYR C 92 -7.77 9.08 14.22
N ILE C 93 -6.84 8.18 13.94
CA ILE C 93 -7.17 6.81 13.49
C ILE C 93 -7.23 5.95 14.75
N LYS C 94 -8.30 6.12 15.51
CA LYS C 94 -8.53 5.28 16.67
C LYS C 94 -10.00 4.90 16.68
N PRO C 95 -10.30 3.68 17.13
CA PRO C 95 -11.70 3.22 17.11
C PRO C 95 -12.64 4.11 17.89
N TRP C 96 -12.14 4.75 18.94
CA TRP C 96 -12.97 5.61 19.76
C TRP C 96 -13.18 7.01 19.16
N ILE C 97 -12.38 7.42 18.17
CA ILE C 97 -12.44 8.78 17.63
C ILE C 97 -13.52 8.89 16.55
N LYS C 98 -14.44 9.85 16.71
CA LYS C 98 -15.30 10.29 15.61
C LYS C 98 -14.75 11.57 14.99
N ARG C 99 -14.50 11.55 13.69
CA ARG C 99 -13.78 12.63 13.04
C ARG C 99 -14.52 13.11 11.79
N ASP C 100 -14.26 14.36 11.45
CA ASP C 100 -14.67 14.91 10.17
C ASP C 100 -13.86 14.21 9.07
N PRO C 101 -14.51 13.62 8.05
CA PRO C 101 -13.74 12.91 7.01
C PRO C 101 -12.99 13.88 6.08
N VAL C 102 -11.68 14.00 6.33
CA VAL C 102 -10.80 14.91 5.61
C VAL C 102 -9.40 14.37 5.76
N TYR C 103 -8.49 14.81 4.89
CA TYR C 103 -7.07 14.59 5.07
C TYR C 103 -6.42 15.94 5.31
N PHE C 104 -5.16 15.92 5.70
CA PHE C 104 -4.44 17.15 5.92
C PHE C 104 -3.42 17.26 4.82
N ILE C 105 -3.07 18.51 4.48
CA ILE C 105 -2.05 18.77 3.47
C ILE C 105 -1.05 19.76 4.03
N LYS C 106 0.21 19.44 3.88
CA LYS C 106 1.29 20.39 4.06
C LYS C 106 1.57 21.01 2.70
N LEU C 107 1.14 22.26 2.49
CA LEU C 107 1.35 22.92 1.21
C LEU C 107 2.81 23.33 1.06
N SER C 108 3.40 23.04 -0.09
CA SER C 108 4.70 23.61 -0.38
C SER C 108 4.61 24.82 -1.30
N THR C 109 3.78 24.75 -2.34
CA THR C 109 3.51 25.87 -3.23
C THR C 109 2.02 25.95 -3.53
N ILE C 110 1.53 27.18 -3.72
CA ILE C 110 0.18 27.42 -4.22
C ILE C 110 0.22 28.53 -5.27
N LYS C 111 -0.46 28.31 -6.39
CA LYS C 111 -0.55 29.25 -7.49
C LYS C 111 -2.00 29.30 -7.96
N LYS C 112 -2.49 30.50 -8.28
CA LYS C 112 -3.79 30.63 -8.91
C LYS C 112 -3.78 29.94 -10.27
N LYS C 113 -4.82 29.16 -10.53
CA LYS C 113 -4.96 28.49 -11.81
C LYS C 113 -5.56 29.47 -12.82
N HIS D 14 -8.42 34.74 17.52
CA HIS D 14 -9.54 33.91 17.10
C HIS D 14 -9.21 33.08 15.84
N ALA D 15 -7.97 33.17 15.35
CA ALA D 15 -7.55 32.51 14.11
C ALA D 15 -6.74 31.26 14.45
N SER D 16 -7.27 30.10 14.07
CA SER D 16 -6.60 28.82 14.29
C SER D 16 -5.86 28.29 13.08
N CYS D 17 -6.17 28.79 11.88
CA CYS D 17 -5.78 28.15 10.64
C CYS D 17 -6.13 26.66 10.65
N SER D 18 -7.29 26.35 11.22
CA SER D 18 -7.84 25.00 11.33
C SER D 18 -7.00 24.03 12.16
N CYS D 19 -6.04 24.54 12.95
CA CYS D 19 -5.22 23.68 13.81
C CYS D 19 -5.86 23.60 15.19
N GLU D 20 -6.90 22.77 15.31
CA GLU D 20 -7.67 22.69 16.52
C GLU D 20 -7.73 21.24 16.99
N CYS D 21 -8.49 21.00 18.05
CA CYS D 21 -8.69 19.63 18.49
C CYS D 21 -9.70 18.98 17.55
N VAL D 22 -9.55 17.67 17.35
CA VAL D 22 -10.59 16.94 16.64
C VAL D 22 -11.77 16.68 17.55
N GLU D 23 -11.51 16.22 18.77
CA GLU D 23 -12.52 16.10 19.81
C GLU D 23 -12.43 17.34 20.68
N GLU D 24 -12.91 17.25 21.91
CA GLU D 24 -13.05 18.40 22.80
C GLU D 24 -11.71 19.07 23.20
N LYS D 25 -11.69 20.40 23.10
CA LYS D 25 -10.61 21.24 23.62
C LYS D 25 -10.73 21.36 25.13
N ILE D 26 -9.65 21.17 25.84
CA ILE D 26 -9.65 21.18 27.30
C ILE D 26 -8.73 22.30 27.78
N PRO D 27 -9.28 23.45 28.13
CA PRO D 27 -8.44 24.57 28.58
C PRO D 27 -7.70 24.25 29.87
N ILE D 28 -6.40 24.64 29.90
CA ILE D 28 -5.57 24.41 31.09
C ILE D 28 -5.36 25.72 31.84
N VAL D 29 -4.75 26.70 31.19
CA VAL D 29 -4.44 27.99 31.82
C VAL D 29 -4.16 29.00 30.71
N THR D 30 -4.47 30.26 30.99
CA THR D 30 -4.21 31.37 30.09
C THR D 30 -2.93 32.10 30.51
N LEU D 31 -2.03 32.29 29.55
CA LEU D 31 -0.75 32.96 29.79
C LEU D 31 -0.79 34.40 29.27
N LYS D 32 -0.29 35.33 30.07
CA LYS D 32 -0.16 36.70 29.61
C LYS D 32 1.23 37.24 29.90
N ASN D 33 1.94 37.62 28.84
CA ASN D 33 3.27 38.22 28.91
C ASN D 33 4.23 37.35 29.72
N GLU D 34 4.41 36.13 29.25
CA GLU D 34 5.27 35.16 29.88
C GLU D 34 6.57 35.04 29.10
N ASN D 35 7.68 34.98 29.85
CA ASN D 35 8.97 34.73 29.23
C ASN D 35 9.05 33.30 28.72
N ALA D 36 9.52 33.14 27.49
CA ALA D 36 9.68 31.85 26.88
C ALA D 36 10.87 31.91 25.92
N HIS D 37 11.26 30.74 25.44
CA HIS D 37 12.25 30.60 24.40
C HIS D 37 11.68 29.68 23.32
N PHE D 38 11.87 30.06 22.05
CA PHE D 38 11.56 29.13 20.99
C PHE D 38 12.68 28.10 20.90
N ARG D 39 12.31 26.83 20.80
CA ARG D 39 13.27 25.73 20.72
C ARG D 39 12.92 24.78 19.58
N TYR D 40 13.92 24.46 18.77
CA TYR D 40 13.78 23.46 17.72
C TYR D 40 13.91 22.09 18.36
N MSE D 41 13.09 21.15 17.94
CA MSE D 41 13.05 19.89 18.68
C MSE D 41 13.48 18.63 17.91
O MSE D 41 13.81 18.66 16.72
CB MSE D 41 11.64 19.69 19.21
CG MSE D 41 11.07 20.89 19.88
SE MSE D 41 11.01 20.49 21.77
CE MSE D 41 10.44 18.61 21.64
N LYS D 42 13.51 17.50 18.64
CA LYS D 42 13.55 16.17 18.04
C LYS D 42 12.26 15.91 17.26
N ARG D 43 12.36 15.04 16.25
CA ARG D 43 11.36 14.75 15.21
C ARG D 43 11.32 15.89 14.18
N ARG D 44 12.49 16.48 13.91
CA ARG D 44 12.73 17.42 12.81
C ARG D 44 12.01 18.76 12.92
N ASN D 45 11.14 19.10 11.97
CA ASN D 45 10.58 20.44 11.88
C ASN D 45 9.51 20.67 12.95
N ASP D 46 9.94 21.22 14.08
CA ASP D 46 9.01 21.60 15.14
C ASP D 46 9.66 22.63 16.06
N PHE D 47 9.12 23.83 16.10
CA PHE D 47 9.53 24.78 17.13
C PHE D 47 8.56 24.68 18.29
N ALA D 48 9.07 24.36 19.47
CA ALA D 48 8.27 24.35 20.68
C ALA D 48 8.65 25.53 21.57
N LEU D 49 7.84 25.78 22.58
CA LEU D 49 8.06 26.89 23.50
C LEU D 49 8.44 26.38 24.87
N GLU D 50 9.54 26.91 25.38
CA GLU D 50 10.06 26.65 26.72
C GLU D 50 9.68 27.85 27.56
N ILE D 51 8.81 27.68 28.51
CA ILE D 51 8.44 28.85 29.30
C ILE D 51 9.25 28.84 30.59
N GLU D 52 9.60 30.03 31.08
CA GLU D 52 10.41 30.09 32.28
C GLU D 52 9.62 29.62 33.49
N ASN D 53 8.31 29.87 33.50
CA ASN D 53 7.44 29.51 34.62
C ASN D 53 7.04 28.05 34.53
N LYS D 54 7.98 27.17 34.83
CA LYS D 54 7.64 25.75 34.72
C LYS D 54 6.49 25.35 35.65
N GLU D 55 6.32 26.05 36.78
CA GLU D 55 5.28 25.69 37.72
C GLU D 55 3.89 26.07 37.22
N LEU D 56 3.66 25.86 35.93
CA LEU D 56 2.39 26.10 35.24
C LEU D 56 2.08 25.04 34.22
N VAL D 57 3.09 24.32 33.72
CA VAL D 57 2.94 23.30 32.69
C VAL D 57 3.76 22.07 33.07
N ARG D 58 4.12 21.95 34.36
CA ARG D 58 5.06 20.93 34.83
C ARG D 58 6.40 20.99 34.09
N GLY D 59 6.79 22.18 33.60
CA GLY D 59 8.05 22.27 32.87
C GLY D 59 8.00 21.71 31.47
N LEU D 60 6.84 21.25 31.00
CA LEU D 60 6.72 20.69 29.66
C LEU D 60 6.78 21.81 28.63
N TYR D 61 7.40 21.52 27.50
CA TYR D 61 7.37 22.49 26.42
C TYR D 61 5.94 22.64 25.94
N LEU D 62 5.62 23.81 25.40
CA LEU D 62 4.28 24.05 24.88
C LEU D 62 4.33 23.97 23.36
N ILE D 63 3.38 23.26 22.78
CA ILE D 63 3.32 23.08 21.34
C ILE D 63 2.39 24.16 20.78
N PRO D 64 2.88 25.07 19.97
CA PRO D 64 2.01 26.09 19.38
C PRO D 64 1.06 25.53 18.34
N ARG D 65 -0.24 25.45 18.66
CA ARG D 65 -1.27 25.00 17.74
C ARG D 65 -1.97 26.21 17.15
N GLY D 66 -1.99 26.31 15.85
CA GLY D 66 -2.68 27.41 15.23
C GLY D 66 -1.96 27.82 13.97
N CYS D 67 -1.98 29.12 13.68
CA CYS D 67 -1.35 29.56 12.46
C CYS D 67 0.15 29.51 12.62
N ASP D 68 0.83 29.19 11.53
CA ASP D 68 2.27 29.02 11.58
C ASP D 68 2.93 30.30 12.07
N ILE D 69 3.90 30.13 12.95
CA ILE D 69 4.59 31.25 13.59
C ILE D 69 5.44 31.97 12.56
N PRO D 70 5.42 33.30 12.53
CA PRO D 70 6.24 34.04 11.57
C PRO D 70 7.71 33.65 11.66
N LYS D 71 8.34 33.55 10.48
CA LYS D 71 9.69 33.02 10.36
C LYS D 71 10.70 33.80 11.20
N LYS D 72 10.44 35.07 11.49
CA LYS D 72 11.38 35.82 12.32
C LYS D 72 11.48 35.26 13.74
N TYR D 73 10.48 34.50 14.19
CA TYR D 73 10.53 33.91 15.52
C TYR D 73 11.14 32.50 15.52
N LYS D 74 11.30 31.88 14.35
CA LYS D 74 11.84 30.53 14.28
C LYS D 74 13.36 30.58 14.34
N GLU D 75 13.87 30.91 15.52
CA GLU D 75 15.29 30.91 15.80
C GLU D 75 15.50 30.19 17.13
N ASP D 76 16.34 29.15 17.11
CA ASP D 76 16.55 28.30 18.29
C ASP D 76 17.12 29.12 19.44
N GLY D 77 16.50 29.02 20.61
CA GLY D 77 16.98 29.75 21.75
C GLY D 77 16.46 31.17 21.83
N LEU D 78 15.60 31.57 20.90
CA LEU D 78 15.16 32.95 20.83
C LEU D 78 14.31 33.28 22.04
N PRO D 79 14.68 34.29 22.82
CA PRO D 79 13.82 34.74 23.93
C PRO D 79 12.62 35.47 23.37
N VAL D 80 11.43 35.14 23.86
CA VAL D 80 10.22 35.83 23.43
C VAL D 80 9.35 36.06 24.65
N ILE D 81 8.34 36.91 24.48
CA ILE D 81 7.28 37.12 25.45
C ILE D 81 6.00 36.72 24.75
N ILE D 82 5.21 35.87 25.39
CA ILE D 82 4.05 35.25 24.74
C ILE D 82 2.82 35.40 25.62
N SER D 83 1.66 35.42 24.96
CA SER D 83 0.35 35.33 25.57
C SER D 83 -0.45 34.30 24.78
N GLY D 84 -1.35 33.59 25.45
CA GLY D 84 -2.21 32.68 24.75
C GLY D 84 -2.88 31.72 25.72
N GLU D 85 -3.65 30.81 25.14
CA GLU D 85 -4.42 29.83 25.90
C GLU D 85 -3.75 28.48 25.78
N VAL D 86 -3.41 27.88 26.93
CA VAL D 86 -2.83 26.54 26.97
C VAL D 86 -3.96 25.52 27.15
N PHE D 87 -3.90 24.44 26.39
CA PHE D 87 -4.99 23.48 26.38
C PHE D 87 -4.47 22.10 26.02
N ASP D 88 -5.33 21.12 26.24
CA ASP D 88 -5.12 19.77 25.78
C ASP D 88 -6.29 19.41 24.87
N CYS D 89 -6.23 18.24 24.26
CA CYS D 89 -7.32 17.72 23.47
C CYS D 89 -7.74 16.36 23.98
N SER D 90 -9.06 16.14 24.10
CA SER D 90 -9.56 14.88 24.68
C SER D 90 -9.14 13.65 23.89
N GLU D 91 -8.88 13.81 22.57
CA GLU D 91 -8.41 12.69 21.75
C GLU D 91 -7.12 12.08 22.27
N TYR D 92 -6.34 12.83 23.03
CA TYR D 92 -5.14 12.34 23.69
C TYR D 92 -5.36 11.80 25.09
N ILE D 93 -6.49 12.08 25.72
CA ILE D 93 -6.75 11.67 27.10
C ILE D 93 -7.69 10.45 27.13
N LYS D 94 -7.14 9.24 27.31
CA LYS D 94 -7.96 8.03 27.55
C LYS D 94 -7.26 7.14 28.57
N PRO D 95 -8.02 6.47 29.45
CA PRO D 95 -7.38 5.61 30.45
C PRO D 95 -6.53 4.53 29.83
N TRP D 96 -6.93 4.02 28.67
CA TRP D 96 -6.18 2.96 28.04
C TRP D 96 -4.95 3.45 27.30
N ILE D 97 -4.87 4.75 27.01
CA ILE D 97 -3.69 5.32 26.36
C ILE D 97 -2.75 5.81 27.44
N LYS D 98 -1.56 5.21 27.55
CA LYS D 98 -0.53 5.74 28.42
C LYS D 98 0.27 6.78 27.65
N ARG D 99 0.27 8.01 28.15
CA ARG D 99 0.85 9.12 27.41
C ARG D 99 1.74 9.94 28.31
N ASP D 100 2.80 10.46 27.74
CA ASP D 100 3.47 11.61 28.34
C ASP D 100 2.61 12.83 28.03
N PRO D 101 2.21 13.62 29.03
CA PRO D 101 1.34 14.76 28.71
C PRO D 101 2.10 15.76 27.86
N VAL D 102 1.37 16.38 26.94
CA VAL D 102 1.93 17.41 26.07
C VAL D 102 0.87 18.49 26.00
N TYR D 103 1.32 19.74 26.06
CA TYR D 103 0.37 20.82 26.12
C TYR D 103 0.53 21.68 24.88
N PHE D 104 -0.59 22.23 24.44
CA PHE D 104 -0.65 23.06 23.26
C PHE D 104 -0.92 24.49 23.70
N ILE D 105 -0.49 25.43 22.90
CA ILE D 105 -0.83 26.83 23.15
C ILE D 105 -1.31 27.43 21.84
N LYS D 106 -2.46 28.09 21.88
CA LYS D 106 -2.86 28.97 20.78
C LYS D 106 -2.33 30.36 21.15
N LEU D 107 -1.29 30.80 20.45
CA LEU D 107 -0.68 32.08 20.78
C LEU D 107 -1.60 33.24 20.36
N SER D 108 -1.79 34.19 21.27
CA SER D 108 -2.45 35.45 20.91
C SER D 108 -1.45 36.59 20.67
N THR D 109 -0.34 36.67 21.43
CA THR D 109 0.72 37.62 21.11
C THR D 109 2.09 36.95 21.24
N ILE D 110 3.03 37.39 20.41
CA ILE D 110 4.46 37.03 20.46
C ILE D 110 5.28 38.29 20.26
N LYS D 111 6.28 38.47 21.10
CA LYS D 111 7.20 39.60 20.98
C LYS D 111 8.59 39.06 21.20
N LYS D 112 9.55 39.55 20.43
CA LYS D 112 10.93 39.31 20.80
C LYS D 112 11.13 39.98 22.14
N LYS D 113 11.87 39.35 23.04
CA LYS D 113 12.03 39.94 24.35
C LYS D 113 12.91 41.20 24.25
N CYS E 17 -14.53 -9.87 -27.56
CA CYS E 17 -13.74 -8.70 -27.20
C CYS E 17 -12.25 -9.04 -27.34
N SER E 18 -11.56 -9.29 -26.22
CA SER E 18 -10.13 -9.58 -26.23
C SER E 18 -9.67 -9.82 -24.80
N CYS E 19 -8.43 -10.32 -24.68
CA CYS E 19 -7.73 -10.73 -23.47
C CYS E 19 -7.04 -9.55 -22.78
N GLU E 20 -6.79 -9.70 -21.47
CA GLU E 20 -6.23 -8.61 -20.69
C GLU E 20 -4.77 -8.77 -20.32
N CYS E 21 -4.36 -9.91 -19.78
CA CYS E 21 -2.98 -10.14 -19.40
C CYS E 21 -2.56 -11.54 -19.80
N VAL E 22 -1.26 -11.71 -20.00
CA VAL E 22 -0.77 -13.06 -20.14
C VAL E 22 -0.80 -13.78 -18.80
N GLU E 23 -0.29 -13.14 -17.74
CA GLU E 23 -0.31 -13.76 -16.43
C GLU E 23 -1.40 -13.24 -15.49
N GLU E 24 -1.11 -12.20 -14.72
CA GLU E 24 -1.99 -11.73 -13.66
C GLU E 24 -2.32 -10.25 -13.79
N LYS E 25 -3.60 -9.91 -13.70
CA LYS E 25 -4.00 -8.50 -13.78
C LYS E 25 -3.77 -7.77 -12.45
N ILE E 26 -3.13 -6.61 -12.53
CA ILE E 26 -2.84 -5.75 -11.39
C ILE E 26 -3.65 -4.48 -11.52
N PRO E 27 -4.78 -4.37 -10.83
CA PRO E 27 -5.61 -3.18 -10.98
C PRO E 27 -4.90 -1.92 -10.51
N ILE E 28 -5.08 -0.85 -11.28
CA ILE E 28 -4.49 0.44 -10.98
C ILE E 28 -5.55 1.44 -10.53
N VAL E 29 -6.51 1.76 -11.40
CA VAL E 29 -7.49 2.79 -11.08
C VAL E 29 -8.66 2.64 -12.04
N THR E 30 -9.85 3.01 -11.58
CA THR E 30 -11.04 3.05 -12.41
C THR E 30 -11.30 4.49 -12.83
N LEU E 31 -11.42 4.71 -14.13
CA LEU E 31 -11.63 6.05 -14.67
C LEU E 31 -13.10 6.25 -14.97
N LYS E 32 -13.65 7.41 -14.63
CA LYS E 32 -15.03 7.75 -14.96
C LYS E 32 -15.04 9.09 -15.68
N ASN E 33 -15.46 9.08 -16.93
CA ASN E 33 -15.59 10.28 -17.76
C ASN E 33 -14.31 11.13 -17.78
N GLU E 34 -13.23 10.51 -18.25
CA GLU E 34 -11.91 11.11 -18.28
C GLU E 34 -11.60 11.70 -19.64
N ASN E 35 -11.14 12.93 -19.66
CA ASN E 35 -10.67 13.50 -20.91
C ASN E 35 -9.40 12.79 -21.33
N ALA E 36 -9.31 12.41 -22.60
CA ALA E 36 -8.12 11.73 -23.08
C ALA E 36 -7.95 12.08 -24.55
N HIS E 37 -6.82 11.69 -25.11
CA HIS E 37 -6.57 11.82 -26.53
C HIS E 37 -6.15 10.48 -27.05
N PHE E 38 -6.68 10.10 -28.19
CA PHE E 38 -6.11 8.95 -28.85
C PHE E 38 -4.75 9.34 -29.39
N ARG E 39 -3.80 8.43 -29.25
CA ARG E 39 -2.45 8.64 -29.74
C ARG E 39 -2.05 7.46 -30.60
N TYR E 40 -1.61 7.73 -31.82
CA TYR E 40 -1.12 6.66 -32.68
C TYR E 40 0.33 6.31 -32.35
N MSE E 41 0.59 5.01 -32.30
CA MSE E 41 1.89 4.48 -31.99
C MSE E 41 2.35 3.63 -33.15
O MSE E 41 1.76 2.58 -33.41
CB MSE E 41 1.83 3.67 -30.71
CG MSE E 41 1.03 4.36 -29.63
SE MSE E 41 1.97 4.12 -27.98
CE MSE E 41 3.46 5.34 -28.33
N LYS E 42 3.37 4.08 -33.87
CA LYS E 42 3.79 3.36 -35.07
C LYS E 42 4.38 1.99 -34.73
N ARG E 43 5.23 1.91 -33.71
CA ARG E 43 5.93 0.65 -33.45
C ARG E 43 5.00 -0.41 -32.85
N ARG E 44 3.94 -0.01 -32.16
CA ARG E 44 2.94 -0.99 -31.73
C ARG E 44 1.79 -1.12 -32.73
N ASN E 45 1.79 -0.29 -33.77
CA ASN E 45 0.70 -0.13 -34.73
C ASN E 45 -0.68 -0.33 -34.11
N ASP E 46 -1.00 0.49 -33.11
CA ASP E 46 -2.33 0.54 -32.51
C ASP E 46 -2.49 1.93 -31.92
N PHE E 47 -3.72 2.28 -31.59
CA PHE E 47 -4.01 3.58 -31.01
C PHE E 47 -4.05 3.50 -29.48
N ALA E 48 -3.26 4.32 -28.82
CA ALA E 48 -3.22 4.38 -27.37
C ALA E 48 -3.94 5.62 -26.86
N LEU E 49 -4.21 5.62 -25.56
CA LEU E 49 -4.94 6.72 -24.94
C LEU E 49 -4.00 7.47 -24.02
N GLU E 50 -3.95 8.79 -24.16
CA GLU E 50 -3.23 9.63 -23.22
C GLU E 50 -4.25 10.46 -22.44
N ILE E 51 -4.31 10.25 -21.13
CA ILE E 51 -5.36 10.86 -20.33
C ILE E 51 -4.91 12.18 -19.73
N GLU E 52 -5.90 13.02 -19.42
CA GLU E 52 -5.62 14.33 -18.84
C GLU E 52 -5.01 14.19 -17.43
N ASN E 53 -5.55 13.30 -16.60
CA ASN E 53 -5.03 13.15 -15.22
C ASN E 53 -3.80 12.26 -15.25
N LYS E 54 -2.69 12.85 -15.70
CA LYS E 54 -1.45 12.10 -15.87
C LYS E 54 -0.97 11.46 -14.54
N GLU E 55 -1.32 12.05 -13.38
CA GLU E 55 -0.81 11.60 -12.08
C GLU E 55 -1.28 10.18 -11.72
N LEU E 56 -2.39 9.73 -12.29
CA LEU E 56 -2.92 8.42 -11.92
C LEU E 56 -2.17 7.30 -12.60
N VAL E 57 -1.44 7.60 -13.67
CA VAL E 57 -0.78 6.59 -14.46
C VAL E 57 0.67 6.99 -14.69
N ARG E 58 1.17 7.92 -13.87
CA ARG E 58 2.53 8.47 -13.98
C ARG E 58 2.85 8.91 -15.41
N GLY E 59 1.86 9.45 -16.11
CA GLY E 59 2.00 9.94 -17.46
C GLY E 59 2.02 8.90 -18.55
N LEU E 60 1.86 7.62 -18.23
CA LEU E 60 1.96 6.60 -19.27
C LEU E 60 0.70 6.54 -20.12
N TYR E 61 0.88 6.25 -21.39
CA TYR E 61 -0.22 6.00 -22.30
C TYR E 61 -0.93 4.70 -21.90
N LEU E 62 -2.20 4.59 -22.29
CA LEU E 62 -2.99 3.40 -22.03
C LEU E 62 -3.28 2.63 -23.31
N ILE E 63 -2.96 1.34 -23.29
CA ILE E 63 -3.20 0.44 -24.41
C ILE E 63 -4.57 -0.19 -24.19
N PRO E 64 -5.54 -0.01 -25.08
CA PRO E 64 -6.86 -0.61 -24.88
C PRO E 64 -6.81 -2.11 -25.08
N ARG E 65 -7.32 -2.85 -24.08
CA ARG E 65 -7.48 -4.29 -24.20
C ARG E 65 -8.95 -4.54 -23.88
N GLY E 66 -9.70 -4.97 -24.89
CA GLY E 66 -11.09 -5.28 -24.64
C GLY E 66 -11.95 -5.36 -25.89
N CYS E 67 -13.13 -4.76 -25.78
CA CYS E 67 -14.14 -4.80 -26.82
C CYS E 67 -13.77 -3.84 -27.94
N ASP E 68 -14.14 -4.21 -29.17
CA ASP E 68 -13.71 -3.47 -30.35
C ASP E 68 -14.22 -2.03 -30.32
N ILE E 69 -13.28 -1.09 -30.48
CA ILE E 69 -13.56 0.34 -30.47
C ILE E 69 -14.07 0.77 -31.84
N PRO E 70 -15.14 1.57 -31.89
CA PRO E 70 -15.63 2.05 -33.20
C PRO E 70 -14.53 2.80 -33.94
N LYS E 71 -14.48 2.59 -35.26
CA LYS E 71 -13.39 3.15 -36.06
C LYS E 71 -13.40 4.66 -36.04
N LYS E 72 -14.56 5.28 -35.80
CA LYS E 72 -14.64 6.75 -35.76
C LYS E 72 -13.78 7.34 -34.64
N TYR E 73 -13.40 6.55 -33.64
CA TYR E 73 -12.55 7.05 -32.56
C TYR E 73 -11.06 6.86 -32.84
N LYS E 74 -10.70 6.01 -33.81
CA LYS E 74 -9.30 5.67 -34.06
C LYS E 74 -8.63 6.73 -34.96
N GLU E 75 -8.41 7.91 -34.37
CA GLU E 75 -7.73 9.01 -35.06
C GLU E 75 -6.69 9.69 -34.17
N ASP E 76 -5.50 9.89 -34.71
CA ASP E 76 -4.39 10.48 -33.95
C ASP E 76 -4.75 11.88 -33.46
N GLY E 77 -4.56 12.10 -32.16
CA GLY E 77 -4.87 13.39 -31.55
C GLY E 77 -6.32 13.61 -31.19
N LEU E 78 -7.20 12.63 -31.44
CA LEU E 78 -8.64 12.84 -31.23
C LEU E 78 -8.98 12.96 -29.75
N PRO E 79 -9.56 14.08 -29.32
CA PRO E 79 -10.00 14.21 -27.92
C PRO E 79 -11.21 13.34 -27.65
N VAL E 80 -11.18 12.60 -26.54
CA VAL E 80 -12.28 11.72 -26.19
C VAL E 80 -12.58 11.84 -24.70
N ILE E 81 -13.74 11.32 -24.31
CA ILE E 81 -14.12 11.13 -22.91
C ILE E 81 -14.32 9.63 -22.69
N ILE E 82 -13.63 9.07 -21.69
CA ILE E 82 -13.55 7.61 -21.52
C ILE E 82 -13.86 7.20 -20.09
N SER E 83 -14.39 5.98 -19.97
CA SER E 83 -14.54 5.30 -18.70
C SER E 83 -14.02 3.88 -18.84
N GLY E 84 -13.47 3.34 -17.76
CA GLY E 84 -13.05 1.95 -17.80
C GLY E 84 -12.07 1.62 -16.70
N GLU E 85 -11.57 0.39 -16.76
CA GLU E 85 -10.69 -0.18 -15.75
C GLU E 85 -9.26 -0.11 -16.27
N VAL E 86 -8.41 0.64 -15.57
CA VAL E 86 -7.00 0.75 -15.90
C VAL E 86 -6.24 -0.23 -15.03
N PHE E 87 -5.34 -1.01 -15.64
CA PHE E 87 -4.63 -2.06 -14.93
C PHE E 87 -3.26 -2.28 -15.55
N ASP E 88 -2.43 -3.04 -14.84
CA ASP E 88 -1.15 -3.52 -15.32
C ASP E 88 -1.17 -5.05 -15.37
N CYS E 89 -0.11 -5.63 -15.93
CA CYS E 89 0.04 -7.07 -16.03
C CYS E 89 1.33 -7.54 -15.35
N SER E 90 1.24 -8.63 -14.58
CA SER E 90 2.38 -9.08 -13.78
C SER E 90 3.59 -9.47 -14.63
N GLU E 91 3.39 -9.90 -15.87
CA GLU E 91 4.53 -10.30 -16.72
C GLU E 91 5.54 -9.17 -16.91
N TYR E 92 5.11 -7.91 -16.79
CA TYR E 92 6.04 -6.76 -16.87
C TYR E 92 6.72 -6.46 -15.54
N ILE E 93 6.22 -6.98 -14.43
CA ILE E 93 6.80 -6.70 -13.13
C ILE E 93 7.95 -7.64 -12.83
N LYS E 94 8.09 -8.69 -13.63
CA LYS E 94 9.21 -9.58 -13.41
C LYS E 94 10.49 -8.76 -13.44
N PRO E 95 11.43 -9.00 -12.53
CA PRO E 95 12.64 -8.17 -12.49
C PRO E 95 13.42 -8.18 -13.80
N TRP E 96 13.40 -9.30 -14.52
CA TRP E 96 14.14 -9.40 -15.76
C TRP E 96 13.36 -8.91 -16.99
N ILE E 97 12.03 -9.00 -16.98
CA ILE E 97 11.26 -8.82 -18.23
C ILE E 97 11.17 -7.35 -18.62
N LYS E 98 11.47 -7.08 -19.90
CA LYS E 98 11.26 -5.77 -20.54
C LYS E 98 9.83 -5.30 -20.41
N ARG E 99 9.64 -4.06 -19.99
CA ARG E 99 8.33 -3.45 -20.14
C ARG E 99 8.44 -2.11 -20.84
N ASP E 100 7.47 -1.86 -21.71
CA ASP E 100 7.21 -0.53 -22.25
C ASP E 100 6.50 0.35 -21.22
N PRO E 101 6.71 1.67 -21.31
CA PRO E 101 6.01 2.58 -20.40
C PRO E 101 4.54 2.68 -20.77
N VAL E 102 3.74 1.66 -20.45
CA VAL E 102 2.31 1.66 -20.76
C VAL E 102 1.58 0.86 -19.69
N TYR E 103 0.32 1.20 -19.52
CA TYR E 103 -0.65 0.45 -18.74
C TYR E 103 -1.77 0.08 -19.72
N PHE E 104 -2.73 -0.69 -19.24
CA PHE E 104 -3.83 -1.16 -20.07
C PHE E 104 -5.16 -0.65 -19.56
N ILE E 105 -6.15 -0.52 -20.44
CA ILE E 105 -7.49 -0.09 -20.05
C ILE E 105 -8.53 -0.98 -20.70
N LYS E 106 -9.48 -1.47 -19.92
CA LYS E 106 -10.69 -2.06 -20.48
C LYS E 106 -11.76 -0.97 -20.45
N LEU E 107 -12.09 -0.43 -21.62
CA LEU E 107 -13.02 0.68 -21.71
C LEU E 107 -14.45 0.22 -21.41
N SER E 108 -15.18 0.99 -20.60
CA SER E 108 -16.61 0.78 -20.48
C SER E 108 -17.44 1.74 -21.33
N THR E 109 -17.06 3.02 -21.42
CA THR E 109 -17.71 3.95 -22.33
C THR E 109 -16.64 4.75 -23.06
N ILE E 110 -16.93 5.13 -24.29
CA ILE E 110 -16.06 6.05 -25.04
C ILE E 110 -16.94 7.05 -25.80
N LYS E 111 -16.59 8.33 -25.70
CA LYS E 111 -17.30 9.42 -26.37
C LYS E 111 -16.34 10.43 -26.96
N LYS E 112 -16.66 10.96 -28.14
CA LYS E 112 -15.91 12.10 -28.66
C LYS E 112 -16.13 13.30 -27.75
N LYS E 113 -15.05 14.03 -27.48
CA LYS E 113 -15.14 15.23 -26.64
C LYS E 113 -15.70 16.39 -27.45
N SER F 16 -11.37 -12.98 -19.08
CA SER F 16 -11.46 -14.30 -18.49
C SER F 16 -10.38 -15.23 -19.08
N CYS F 17 -10.02 -15.02 -20.35
CA CYS F 17 -9.06 -15.85 -21.07
C CYS F 17 -7.75 -15.09 -21.26
N SER F 18 -6.64 -15.69 -20.83
CA SER F 18 -5.34 -15.04 -20.89
C SER F 18 -4.86 -14.85 -22.34
N CYS F 19 -3.92 -13.92 -22.49
CA CYS F 19 -3.36 -13.63 -23.80
C CYS F 19 -2.35 -14.71 -24.13
N GLU F 20 -2.17 -14.96 -25.43
CA GLU F 20 -1.29 -16.03 -25.85
C GLU F 20 0.18 -15.64 -25.68
N CYS F 21 0.52 -14.41 -26.05
CA CYS F 21 1.89 -13.91 -25.96
C CYS F 21 1.90 -12.48 -25.46
N VAL F 22 3.01 -12.11 -24.83
CA VAL F 22 3.21 -10.71 -24.47
C VAL F 22 3.54 -9.88 -25.72
N GLU F 23 4.43 -10.40 -26.58
CA GLU F 23 4.81 -9.65 -27.78
C GLU F 23 4.27 -10.21 -29.09
N GLU F 24 4.64 -11.43 -29.48
CA GLU F 24 4.21 -11.89 -30.80
C GLU F 24 4.21 -13.41 -30.84
N LYS F 25 3.13 -13.98 -31.35
CA LYS F 25 3.01 -15.42 -31.47
C LYS F 25 3.81 -15.95 -32.66
N ILE F 26 4.59 -17.01 -32.40
CA ILE F 26 5.41 -17.70 -33.38
C ILE F 26 4.86 -19.11 -33.55
N PRO F 27 4.13 -19.38 -34.63
CA PRO F 27 3.55 -20.72 -34.80
C PRO F 27 4.62 -21.79 -34.97
N ILE F 28 4.42 -22.92 -34.30
CA ILE F 28 5.31 -24.06 -34.38
C ILE F 28 4.67 -25.18 -35.18
N VAL F 29 3.57 -25.71 -34.69
CA VAL F 29 2.93 -26.86 -35.33
C VAL F 29 1.53 -27.02 -34.76
N THR F 30 0.67 -27.62 -35.55
CA THR F 30 -0.67 -27.95 -35.12
C THR F 30 -0.71 -29.43 -34.75
N LEU F 31 -1.27 -29.72 -33.58
CA LEU F 31 -1.41 -31.09 -33.09
C LEU F 31 -2.84 -31.56 -33.30
N LYS F 32 -3.02 -32.77 -33.81
CA LYS F 32 -4.36 -33.37 -33.94
C LYS F 32 -4.34 -34.75 -33.30
N ASN F 33 -5.12 -34.93 -32.22
CA ASN F 33 -5.23 -36.21 -31.52
C ASN F 33 -3.85 -36.75 -31.12
N GLU F 34 -3.17 -35.96 -30.31
CA GLU F 34 -1.82 -36.29 -29.85
C GLU F 34 -1.91 -36.86 -28.45
N ASN F 35 -1.23 -37.97 -28.22
CA ASN F 35 -1.13 -38.47 -26.87
C ASN F 35 -0.26 -37.54 -26.05
N ALA F 36 -0.72 -37.21 -24.85
CA ALA F 36 0.05 -36.35 -23.97
C ALA F 36 -0.27 -36.73 -22.53
N HIS F 37 0.53 -36.19 -21.60
CA HIS F 37 0.27 -36.33 -20.18
C HIS F 37 0.25 -34.93 -19.59
N PHE F 38 -0.73 -34.66 -18.73
CA PHE F 38 -0.68 -33.44 -17.94
C PHE F 38 0.41 -33.56 -16.90
N ARG F 39 1.14 -32.46 -16.71
CA ARG F 39 2.23 -32.36 -15.74
C ARG F 39 2.01 -31.13 -14.90
N TYR F 40 1.97 -31.31 -13.59
CA TYR F 40 1.92 -30.18 -12.68
C TYR F 40 3.32 -29.65 -12.46
N MSE F 41 3.48 -28.33 -12.60
CA MSE F 41 4.78 -27.72 -12.33
C MSE F 41 4.69 -26.74 -11.20
O MSE F 41 4.01 -25.73 -11.29
CB MSE F 41 5.32 -27.01 -13.56
CG MSE F 41 5.50 -27.89 -14.74
SE MSE F 41 5.69 -26.78 -16.34
CE MSE F 41 7.49 -26.07 -16.01
N LYS F 42 5.47 -27.04 -10.16
CA LYS F 42 5.31 -26.35 -8.88
C LYS F 42 5.65 -24.87 -8.97
N ARG F 43 6.83 -24.55 -9.54
CA ARG F 43 7.29 -23.17 -9.57
C ARG F 43 6.41 -22.28 -10.43
N ARG F 44 5.92 -22.79 -11.56
CA ARG F 44 4.91 -22.06 -12.30
C ARG F 44 3.55 -22.17 -11.64
N ASN F 45 3.25 -23.32 -11.05
CA ASN F 45 1.94 -23.62 -10.45
C ASN F 45 0.82 -23.54 -11.49
N ASP F 46 0.98 -24.36 -12.53
CA ASP F 46 -0.05 -24.54 -13.54
C ASP F 46 0.20 -25.92 -14.14
N PHE F 47 -0.80 -26.43 -14.82
CA PHE F 47 -0.66 -27.74 -15.42
C PHE F 47 -0.20 -27.57 -16.87
N ALA F 48 0.91 -28.24 -17.20
CA ALA F 48 1.51 -28.29 -18.52
C ALA F 48 1.25 -29.63 -19.17
N LEU F 49 1.47 -29.67 -20.48
CA LEU F 49 1.25 -30.86 -21.28
C LEU F 49 2.58 -31.35 -21.80
N GLU F 50 2.87 -32.62 -21.58
CA GLU F 50 4.02 -33.25 -22.19
C GLU F 50 3.50 -34.26 -23.20
N ILE F 51 3.85 -34.05 -24.47
CA ILE F 51 3.31 -34.86 -25.56
C ILE F 51 4.22 -36.03 -25.90
N GLU F 52 3.62 -37.05 -26.52
CA GLU F 52 4.36 -38.24 -26.88
C GLU F 52 5.40 -37.96 -27.96
N ASN F 53 5.06 -37.15 -28.96
CA ASN F 53 5.96 -36.93 -30.09
C ASN F 53 6.97 -35.83 -29.72
N LYS F 54 8.02 -36.25 -29.00
CA LYS F 54 9.02 -35.30 -28.51
C LYS F 54 9.67 -34.47 -29.62
N GLU F 55 9.90 -35.05 -30.83
CA GLU F 55 10.64 -34.32 -31.87
C GLU F 55 9.93 -33.08 -32.36
N LEU F 56 8.63 -32.97 -32.14
CA LEU F 56 7.92 -31.80 -32.62
C LEU F 56 8.13 -30.61 -31.71
N VAL F 57 8.54 -30.84 -30.47
CA VAL F 57 8.63 -29.76 -29.50
C VAL F 57 9.97 -29.79 -28.77
N ARG F 58 10.98 -30.46 -29.36
CA ARG F 58 12.28 -30.62 -28.69
C ARG F 58 12.15 -31.28 -27.32
N GLY F 59 11.08 -32.05 -27.09
CA GLY F 59 10.85 -32.63 -25.79
C GLY F 59 10.37 -31.65 -24.74
N LEU F 60 10.15 -30.39 -25.08
CA LEU F 60 9.76 -29.38 -24.09
C LEU F 60 8.28 -29.50 -23.71
N TYR F 61 7.97 -29.19 -22.46
CA TYR F 61 6.58 -29.17 -22.02
C TYR F 61 5.83 -28.04 -22.72
N LEU F 62 4.51 -28.19 -22.84
CA LEU F 62 3.66 -27.18 -23.44
C LEU F 62 2.79 -26.52 -22.39
N ILE F 63 2.81 -25.20 -22.35
CA ILE F 63 2.03 -24.41 -21.40
C ILE F 63 0.72 -24.00 -22.08
N PRO F 64 -0.43 -24.36 -21.53
CA PRO F 64 -1.71 -23.94 -22.12
C PRO F 64 -1.98 -22.45 -22.01
N ARG F 65 -2.00 -21.78 -23.15
CA ARG F 65 -2.38 -20.38 -23.24
C ARG F 65 -3.83 -20.25 -23.70
N GLY F 66 -4.55 -19.33 -23.07
CA GLY F 66 -5.89 -19.00 -23.51
C GLY F 66 -6.90 -19.28 -22.42
N CYS F 67 -8.01 -19.89 -22.81
CA CYS F 67 -9.11 -20.15 -21.90
C CYS F 67 -8.79 -21.32 -20.98
N ASP F 68 -9.27 -21.21 -19.75
CA ASP F 68 -8.98 -22.16 -18.69
C ASP F 68 -9.46 -23.57 -19.04
N ILE F 69 -8.64 -24.55 -18.72
CA ILE F 69 -8.84 -25.97 -18.99
C ILE F 69 -9.88 -26.48 -17.99
N PRO F 70 -10.88 -27.27 -18.41
CA PRO F 70 -11.82 -27.80 -17.43
C PRO F 70 -11.09 -28.57 -16.33
N LYS F 71 -11.51 -28.33 -15.08
CA LYS F 71 -10.78 -28.79 -13.91
C LYS F 71 -10.65 -30.32 -13.81
N LYS F 72 -11.54 -31.09 -14.46
CA LYS F 72 -11.38 -32.54 -14.41
C LYS F 72 -10.07 -33.01 -15.07
N TYR F 73 -9.48 -32.21 -15.95
CA TYR F 73 -8.26 -32.62 -16.64
C TYR F 73 -6.99 -32.22 -15.89
N LYS F 74 -7.10 -31.38 -14.86
CA LYS F 74 -5.95 -30.87 -14.12
C LYS F 74 -5.51 -31.90 -13.06
N GLU F 75 -4.90 -32.98 -13.53
CA GLU F 75 -4.35 -34.00 -12.63
C GLU F 75 -2.95 -34.38 -13.05
N ASP F 76 -2.02 -34.32 -12.10
CA ASP F 76 -0.63 -34.64 -12.38
C ASP F 76 -0.52 -36.09 -12.87
N GLY F 77 0.12 -36.26 -14.04
CA GLY F 77 0.33 -37.55 -14.65
C GLY F 77 -0.82 -38.07 -15.50
N LEU F 78 -1.92 -37.34 -15.60
CA LEU F 78 -3.13 -37.82 -16.30
C LEU F 78 -2.87 -38.02 -17.79
N PRO F 79 -3.05 -39.21 -18.35
CA PRO F 79 -2.90 -39.37 -19.81
C PRO F 79 -4.08 -38.75 -20.54
N VAL F 80 -3.78 -37.94 -21.57
CA VAL F 80 -4.80 -37.25 -22.34
C VAL F 80 -4.47 -37.35 -23.83
N ILE F 81 -5.49 -37.05 -24.65
CA ILE F 81 -5.34 -36.91 -26.08
C ILE F 81 -5.76 -35.49 -26.45
N ILE F 82 -4.88 -34.76 -27.15
CA ILE F 82 -5.05 -33.32 -27.31
C ILE F 82 -4.96 -32.92 -28.77
N SER F 83 -5.62 -31.81 -29.10
CA SER F 83 -5.47 -31.09 -30.35
C SER F 83 -5.32 -29.61 -30.04
N GLY F 84 -4.55 -28.92 -30.87
CA GLY F 84 -4.42 -27.49 -30.71
C GLY F 84 -3.25 -26.94 -31.49
N GLU F 85 -3.02 -25.64 -31.29
CA GLU F 85 -1.98 -24.89 -31.98
C GLU F 85 -0.82 -24.69 -31.02
N VAL F 86 0.35 -25.20 -31.38
CA VAL F 86 1.55 -25.08 -30.55
C VAL F 86 2.37 -23.89 -31.03
N PHE F 87 2.83 -23.06 -30.10
CA PHE F 87 3.54 -21.87 -30.51
C PHE F 87 4.58 -21.45 -29.46
N ASP F 88 5.43 -20.51 -29.88
CA ASP F 88 6.36 -19.83 -29.00
C ASP F 88 5.99 -18.36 -29.01
N CYS F 89 6.61 -17.60 -28.13
CA CYS F 89 6.38 -16.16 -28.02
C CYS F 89 7.68 -15.39 -28.16
N SER F 90 7.64 -14.31 -28.96
CA SER F 90 8.86 -13.58 -29.32
C SER F 90 9.58 -13.00 -28.11
N GLU F 91 8.90 -12.78 -26.98
CA GLU F 91 9.57 -12.28 -25.79
C GLU F 91 10.69 -13.21 -25.31
N TYR F 92 10.60 -14.51 -25.59
CA TYR F 92 11.67 -15.45 -25.22
C TYR F 92 12.80 -15.51 -26.25
N ILE F 93 12.60 -14.94 -27.45
CA ILE F 93 13.57 -14.95 -28.55
C ILE F 93 14.58 -13.82 -28.48
N LYS F 94 14.35 -12.84 -27.62
CA LYS F 94 15.30 -11.74 -27.48
C LYS F 94 16.63 -12.32 -27.03
N PRO F 95 17.74 -11.91 -27.64
CA PRO F 95 19.05 -12.49 -27.26
C PRO F 95 19.47 -12.23 -25.82
N TRP F 96 19.00 -11.15 -25.18
CA TRP F 96 19.45 -10.84 -23.82
C TRP F 96 18.79 -11.68 -22.74
N ILE F 97 17.65 -12.31 -23.03
CA ILE F 97 16.88 -13.09 -22.05
C ILE F 97 17.38 -14.53 -21.97
N LYS F 98 17.66 -14.99 -20.75
CA LYS F 98 17.83 -16.43 -20.46
C LYS F 98 16.42 -16.97 -20.25
N ARG F 99 16.07 -18.07 -20.94
CA ARG F 99 14.66 -18.47 -21.05
C ARG F 99 14.35 -19.82 -20.41
N ASP F 100 13.08 -19.95 -19.99
CA ASP F 100 12.48 -21.26 -19.64
C ASP F 100 12.29 -22.16 -20.84
N PRO F 101 12.77 -23.42 -20.79
CA PRO F 101 12.55 -24.36 -21.90
C PRO F 101 11.11 -24.88 -21.93
N VAL F 102 10.22 -24.09 -22.53
CA VAL F 102 8.82 -24.47 -22.61
C VAL F 102 8.21 -23.84 -23.86
N TYR F 103 7.18 -24.48 -24.41
CA TYR F 103 6.40 -23.92 -25.51
C TYR F 103 4.98 -23.68 -25.00
N PHE F 104 4.16 -23.05 -25.82
CA PHE F 104 2.79 -22.76 -25.48
C PHE F 104 1.83 -23.46 -26.43
N ILE F 105 0.62 -23.71 -25.96
CA ILE F 105 -0.42 -24.34 -26.78
C ILE F 105 -1.77 -23.68 -26.53
N LYS F 106 -2.49 -23.37 -27.60
CA LYS F 106 -3.92 -23.07 -27.53
C LYS F 106 -4.68 -24.36 -27.83
N LEU F 107 -5.28 -24.95 -26.81
CA LEU F 107 -6.00 -26.21 -26.99
C LEU F 107 -7.30 -26.00 -27.77
N SER F 108 -7.54 -26.84 -28.80
CA SER F 108 -8.84 -26.89 -29.47
C SER F 108 -9.73 -28.01 -28.98
N THR F 109 -9.19 -29.22 -28.74
CA THR F 109 -9.94 -30.31 -28.11
C THR F 109 -9.06 -30.96 -27.05
N ILE F 110 -9.69 -31.44 -25.96
CA ILE F 110 -9.00 -32.22 -24.94
C ILE F 110 -9.87 -33.38 -24.49
N LYS F 111 -9.30 -34.59 -24.43
CA LYS F 111 -10.05 -35.75 -24.00
C LYS F 111 -9.15 -36.65 -23.14
N LYS F 112 -9.73 -37.28 -22.10
CA LYS F 112 -9.00 -38.33 -21.39
C LYS F 112 -8.74 -39.51 -22.32
N LYS F 113 -7.58 -40.15 -22.18
CA LYS F 113 -7.16 -41.17 -23.14
C LYS F 113 -7.94 -42.48 -23.06
C1 EDO G . 9.24 42.98 17.46
O1 EDO G . 8.78 41.63 17.69
C2 EDO G . 10.56 42.98 16.67
O2 EDO G . 10.30 42.88 15.26
#